data_7EVF
#
_entry.id   7EVF
#
_cell.length_a   152.987
_cell.length_b   152.987
_cell.length_c   61.694
_cell.angle_alpha   90.000
_cell.angle_beta   90.000
_cell.angle_gamma   120.000
#
_symmetry.space_group_name_H-M   'H 3'
#
loop_
_entity.id
_entity.type
_entity.pdbx_description
1 polymer 'PQQ_3 domain-containing protein'
2 water water
#
_entity_poly.entity_id   1
_entity_poly.type   'polypeptide(L)'
_entity_poly.pdbx_seq_one_letter_code
;GAMAETVFKQNHAASGFLAGRYDAQAMSPTMFNWSRESRFTSTADGALKWEKNVPATPQNGAGAAVDGDGTVFIQSKDGK
LTAYHPDGTVKWVTENLGTTYTLTPVLGTNGVIYLPSHDKKLYFIDKETGNILWSVPLSGAPSSDAAIGPDGTLYVSTLD
NYIYAIKPTSPGTATQKWKFKTNGVVGSAPVLASNGTLYTATYNNIFYAINSGTGQVKWSKTTSNGFKGYPVIDRDGTVY
AGNQDGNLYAYTSTGAVKWTFPLNGFSSSSLAIDHNGNVYIGSGSGELFSISKTGNMNWSFYTDGPVRTAPLIDADGNVY
FGSDDKNVYAVDADGNEKWRYQTDSNVISSPVLAEDGTLYVGTYTKLLAFGAK
;
_entity_poly.pdbx_strand_id   AA
#
# COMPACT_ATOMS: atom_id res chain seq x y z
N GLY A 1 -6.94 -16.19 -16.08
CA GLY A 1 -6.13 -17.27 -15.56
C GLY A 1 -6.79 -17.99 -14.38
N ALA A 2 -5.99 -18.72 -13.61
CA ALA A 2 -6.51 -19.40 -12.44
C ALA A 2 -6.96 -18.39 -11.39
N MET A 3 -7.68 -18.92 -10.40
CA MET A 3 -8.23 -18.16 -9.29
C MET A 3 -7.55 -18.63 -8.02
N ALA A 4 -7.40 -17.72 -7.06
CA ALA A 4 -6.97 -18.17 -5.73
C ALA A 4 -8.06 -19.06 -5.13
N GLU A 5 -7.66 -19.92 -4.17
CA GLU A 5 -8.64 -20.86 -3.63
C GLU A 5 -9.69 -20.20 -2.73
N THR A 6 -9.38 -19.02 -2.17
CA THR A 6 -10.32 -18.23 -1.38
C THR A 6 -10.28 -16.81 -1.92
N VAL A 7 -11.37 -16.03 -1.65
CA VAL A 7 -11.44 -14.70 -2.24
C VAL A 7 -10.61 -13.72 -1.41
N PHE A 8 -10.04 -12.76 -2.12
CA PHE A 8 -9.38 -11.66 -1.45
C PHE A 8 -10.42 -10.73 -0.82
N LYS A 9 -10.18 -10.34 0.42
CA LYS A 9 -11.01 -9.38 1.14
C LYS A 9 -10.13 -8.25 1.67
N GLN A 10 -10.53 -7.00 1.40
CA GLN A 10 -9.83 -5.87 1.99
C GLN A 10 -9.93 -5.86 3.51
N ASN A 11 -11.03 -6.37 4.06
CA ASN A 11 -11.30 -6.25 5.49
C ASN A 11 -11.37 -7.60 6.19
N HIS A 12 -11.04 -7.57 7.48
CA HIS A 12 -11.40 -8.60 8.45
C HIS A 12 -12.33 -7.97 9.48
N ALA A 13 -12.58 -8.68 10.60
CA ALA A 13 -13.59 -8.19 11.53
C ALA A 13 -13.22 -6.88 12.19
N ALA A 14 -11.96 -6.49 12.16
CA ALA A 14 -11.53 -5.31 12.88
C ALA A 14 -11.17 -4.10 12.01
N SER A 15 -11.32 -4.19 10.68
CA SER A 15 -10.98 -3.10 9.78
C SER A 15 -12.22 -2.56 9.08
N GLY A 16 -12.07 -1.40 8.46
CA GLY A 16 -13.21 -0.70 7.92
C GLY A 16 -12.95 0.05 6.63
N PHE A 17 -12.22 -0.56 5.70
CA PHE A 17 -12.01 0.03 4.38
C PHE A 17 -13.27 -0.08 3.53
N LEU A 18 -13.45 0.87 2.64
CA LEU A 18 -14.55 0.77 1.68
C LEU A 18 -14.25 -0.36 0.70
N ALA A 19 -15.14 -1.36 0.63
CA ALA A 19 -14.91 -2.45 -0.31
C ALA A 19 -15.03 -1.94 -1.74
N GLY A 20 -14.00 -2.21 -2.54
CA GLY A 20 -13.92 -1.73 -3.90
C GLY A 20 -13.76 -2.87 -4.89
N ARG A 21 -13.72 -2.49 -6.17
CA ARG A 21 -13.77 -3.44 -7.29
C ARG A 21 -12.37 -3.96 -7.64
N TYR A 22 -11.73 -4.57 -6.63
CA TYR A 22 -10.46 -5.26 -6.81
C TYR A 22 -10.68 -6.64 -7.38
N ASP A 23 -9.62 -7.22 -7.91
CA ASP A 23 -9.68 -8.60 -8.38
C ASP A 23 -9.81 -9.54 -7.17
N ALA A 24 -11.03 -10.02 -6.91
CA ALA A 24 -11.27 -10.89 -5.76
C ALA A 24 -10.65 -12.28 -5.93
N GLN A 25 -10.27 -12.64 -7.14
CA GLN A 25 -9.62 -13.91 -7.36
C GLN A 25 -8.11 -13.84 -7.24
N ALA A 26 -7.54 -12.66 -7.01
CA ALA A 26 -6.11 -12.48 -6.91
C ALA A 26 -5.60 -12.91 -5.56
N MET A 27 -4.29 -13.22 -5.50
CA MET A 27 -3.68 -13.47 -4.21
C MET A 27 -3.47 -12.16 -3.47
N SER A 28 -2.94 -11.15 -4.14
CA SER A 28 -2.67 -9.85 -3.52
C SER A 28 -2.84 -8.74 -4.56
N PRO A 29 -4.07 -8.21 -4.73
CA PRO A 29 -4.31 -7.26 -5.82
C PRO A 29 -4.01 -5.82 -5.52
N THR A 30 -3.67 -5.48 -4.28
CA THR A 30 -3.44 -4.09 -3.91
C THR A 30 -2.43 -4.10 -2.78
N MET A 31 -1.65 -3.03 -2.70
CA MET A 31 -0.71 -2.91 -1.60
C MET A 31 -1.36 -2.24 -0.39
N PHE A 32 -2.17 -1.20 -0.63
CA PHE A 32 -2.82 -0.42 0.42
C PHE A 32 -4.33 -0.43 0.21
N ASN A 33 -5.03 0.39 1.02
CA ASN A 33 -6.49 0.32 1.10
C ASN A 33 -7.00 -1.07 1.45
N TRP A 34 -6.26 -1.76 2.31
CA TRP A 34 -6.71 -3.01 2.89
C TRP A 34 -5.94 -3.21 4.19
N SER A 35 -6.36 -4.23 4.92
CA SER A 35 -5.85 -4.42 6.28
C SER A 35 -4.36 -4.70 6.32
N ARG A 36 -3.83 -5.29 5.26
CA ARG A 36 -2.47 -5.87 5.25
C ARG A 36 -2.31 -6.98 6.28
N GLU A 37 -3.40 -7.66 6.60
CA GLU A 37 -3.34 -8.98 7.24
C GLU A 37 -3.76 -9.99 6.18
N SER A 38 -2.77 -10.73 5.68
CA SER A 38 -3.03 -11.74 4.67
C SER A 38 -3.92 -12.85 5.21
N ARG A 39 -4.74 -13.40 4.31
CA ARG A 39 -5.51 -14.60 4.62
C ARG A 39 -4.66 -15.87 4.55
N PHE A 40 -3.42 -15.77 4.10
CA PHE A 40 -2.54 -16.93 3.95
C PHE A 40 -1.62 -17.11 5.15
N THR A 41 -1.31 -18.37 5.44
CA THR A 41 -0.22 -18.72 6.33
C THR A 41 1.09 -18.81 5.54
N SER A 42 2.21 -18.76 6.27
CA SER A 42 3.52 -18.90 5.66
C SER A 42 4.45 -19.66 6.59
N THR A 43 5.22 -20.57 6.03
CA THR A 43 6.35 -21.15 6.74
C THR A 43 7.69 -20.58 6.26
N ALA A 44 7.68 -19.47 5.53
CA ALA A 44 8.94 -18.91 5.04
C ALA A 44 9.91 -18.79 6.20
N ASP A 45 11.13 -19.27 5.99
CA ASP A 45 12.12 -19.35 7.06
C ASP A 45 13.34 -18.47 6.84
N GLY A 46 13.34 -17.61 5.83
CA GLY A 46 14.43 -16.72 5.61
C GLY A 46 15.42 -17.19 4.57
N ALA A 47 15.24 -18.38 4.04
CA ALA A 47 16.07 -18.80 2.91
C ALA A 47 15.55 -18.13 1.65
N LEU A 48 16.47 -17.57 0.86
CA LEU A 48 16.08 -16.93 -0.38
C LEU A 48 15.73 -17.98 -1.42
N LYS A 49 14.56 -17.83 -2.04
CA LYS A 49 14.19 -18.70 -3.15
C LYS A 49 14.77 -18.20 -4.47
N TRP A 50 14.57 -16.92 -4.78
CA TRP A 50 15.22 -16.31 -5.92
C TRP A 50 15.25 -14.80 -5.72
N GLU A 51 16.06 -14.12 -6.53
CA GLU A 51 16.12 -12.67 -6.58
C GLU A 51 16.16 -12.23 -8.03
N LYS A 52 15.52 -11.08 -8.32
CA LYS A 52 15.57 -10.48 -9.66
C LYS A 52 16.00 -9.02 -9.54
N ASN A 53 16.71 -8.54 -10.56
CA ASN A 53 17.08 -7.14 -10.58
C ASN A 53 15.87 -6.33 -11.01
N VAL A 54 15.39 -5.48 -10.11
CA VAL A 54 14.21 -4.65 -10.32
C VAL A 54 14.53 -3.26 -9.79
N PRO A 55 15.16 -2.39 -10.58
CA PRO A 55 15.49 -1.05 -10.08
C PRO A 55 14.20 -0.25 -9.87
N ALA A 56 14.07 0.34 -8.69
CA ALA A 56 12.82 1.03 -8.38
C ALA A 56 13.05 2.09 -7.33
N THR A 57 12.16 3.08 -7.31
CA THR A 57 12.07 4.03 -6.19
C THR A 57 10.59 4.08 -5.86
N PRO A 58 10.10 3.14 -5.05
CA PRO A 58 8.65 3.06 -4.84
C PRO A 58 8.16 4.19 -3.96
N GLN A 59 7.02 4.72 -4.32
CA GLN A 59 6.43 5.79 -3.52
C GLN A 59 5.74 5.17 -2.31
N ASN A 60 6.15 5.60 -1.11
CA ASN A 60 5.51 5.16 0.15
C ASN A 60 5.44 3.64 0.29
N GLY A 61 6.45 2.94 -0.22
CA GLY A 61 6.47 1.51 -0.02
C GLY A 61 5.64 0.71 -1.01
N ALA A 62 5.30 1.31 -2.15
CA ALA A 62 4.62 0.58 -3.22
C ALA A 62 5.44 -0.65 -3.62
N GLY A 63 4.80 -1.54 -4.38
CA GLY A 63 5.52 -2.74 -4.76
C GLY A 63 4.66 -3.68 -5.58
N ALA A 64 4.85 -4.98 -5.38
CA ALA A 64 4.25 -5.96 -6.27
C ALA A 64 2.77 -6.25 -5.98
N ALA A 65 2.07 -6.68 -7.03
CA ALA A 65 0.77 -7.32 -6.91
C ALA A 65 0.87 -8.74 -7.43
N VAL A 66 -0.04 -9.62 -6.99
CA VAL A 66 0.03 -11.05 -7.33
C VAL A 66 -1.37 -11.51 -7.68
N ASP A 67 -1.55 -12.09 -8.87
CA ASP A 67 -2.88 -12.50 -9.29
C ASP A 67 -3.18 -13.94 -8.90
N GLY A 68 -4.31 -14.45 -9.38
CA GLY A 68 -4.79 -15.78 -8.97
C GLY A 68 -3.91 -16.92 -9.46
N ASP A 69 -3.11 -16.68 -10.50
CA ASP A 69 -2.13 -17.66 -10.97
C ASP A 69 -0.84 -17.63 -10.16
N GLY A 70 -0.68 -16.64 -9.29
CA GLY A 70 0.61 -16.38 -8.66
C GLY A 70 1.59 -15.56 -9.48
N THR A 71 1.15 -15.01 -10.62
CA THR A 71 2.00 -14.11 -11.38
C THR A 71 2.24 -12.85 -10.57
N VAL A 72 3.49 -12.41 -10.55
CA VAL A 72 3.94 -11.26 -9.76
C VAL A 72 4.16 -10.08 -10.70
N PHE A 73 3.49 -8.96 -10.44
CA PHE A 73 3.58 -7.77 -11.31
C PHE A 73 4.29 -6.66 -10.55
N ILE A 74 5.29 -6.05 -11.18
CA ILE A 74 6.07 -5.01 -10.50
C ILE A 74 6.62 -4.02 -11.53
N GLN A 75 6.56 -2.74 -11.17
CA GLN A 75 7.07 -1.68 -12.02
C GLN A 75 8.51 -1.36 -11.62
N SER A 76 9.35 -1.09 -12.63
CA SER A 76 10.70 -0.64 -12.38
C SER A 76 10.89 0.76 -12.96
N LYS A 77 11.89 1.47 -12.44
CA LYS A 77 12.05 2.90 -12.76
C LYS A 77 12.72 3.11 -14.10
N ASP A 78 13.04 2.01 -14.80
CA ASP A 78 13.56 2.04 -16.17
C ASP A 78 12.43 2.03 -17.19
N GLY A 79 11.18 2.23 -16.77
CA GLY A 79 10.06 2.31 -17.66
C GLY A 79 9.33 1.00 -17.89
N LYS A 80 9.71 -0.07 -17.21
CA LYS A 80 9.10 -1.37 -17.47
C LYS A 80 8.07 -1.75 -16.41
N LEU A 81 7.03 -2.42 -16.85
CA LEU A 81 6.15 -3.23 -16.00
C LEU A 81 6.39 -4.68 -16.41
N THR A 82 6.76 -5.49 -15.45
CA THR A 82 7.10 -6.89 -15.72
C THR A 82 6.16 -7.81 -14.95
N ALA A 83 5.73 -8.88 -15.62
CA ALA A 83 4.99 -9.96 -14.99
C ALA A 83 5.93 -11.15 -14.84
N TYR A 84 6.16 -11.60 -13.61
CA TYR A 84 7.02 -12.74 -13.33
C TYR A 84 6.21 -13.99 -12.99
N HIS A 85 6.60 -15.12 -13.57
CA HIS A 85 6.07 -16.37 -13.07
C HIS A 85 6.57 -16.60 -11.64
N PRO A 86 5.88 -17.48 -10.88
CA PRO A 86 6.34 -17.78 -9.51
C PRO A 86 7.75 -18.30 -9.43
N ASP A 87 8.26 -18.92 -10.50
CA ASP A 87 9.65 -19.36 -10.46
C ASP A 87 10.66 -18.26 -10.80
N GLY A 88 10.19 -17.01 -11.00
CA GLY A 88 11.09 -15.91 -11.27
C GLY A 88 11.41 -15.68 -12.74
N THR A 89 10.95 -16.54 -13.64
CA THR A 89 11.11 -16.26 -15.05
C THR A 89 10.06 -15.24 -15.48
N VAL A 90 10.32 -14.58 -16.61
CA VAL A 90 9.46 -13.49 -17.10
C VAL A 90 8.33 -14.05 -17.95
N LYS A 91 7.09 -13.65 -17.66
CA LYS A 91 5.89 -13.95 -18.45
C LYS A 91 5.61 -12.89 -19.51
N TRP A 92 5.71 -11.61 -19.16
CA TRP A 92 5.61 -10.55 -20.16
C TRP A 92 6.26 -9.30 -19.61
N VAL A 93 6.55 -8.39 -20.52
CA VAL A 93 7.13 -7.11 -20.16
C VAL A 93 6.61 -6.05 -21.12
N THR A 94 6.28 -4.90 -20.54
CA THR A 94 5.88 -3.74 -21.34
C THR A 94 6.76 -2.56 -20.95
N GLU A 95 7.27 -1.87 -21.94
CA GLU A 95 8.23 -0.80 -21.75
C GLU A 95 7.57 0.57 -21.91
N ASN A 96 8.37 1.60 -21.62
CA ASN A 96 8.03 3.00 -21.85
C ASN A 96 6.87 3.49 -20.97
N LEU A 97 6.74 2.97 -19.75
CA LEU A 97 5.59 3.27 -18.90
C LEU A 97 5.88 4.29 -17.80
N GLY A 98 7.05 4.89 -17.79
CA GLY A 98 7.36 5.89 -16.77
C GLY A 98 8.61 5.61 -15.98
N THR A 99 9.35 6.66 -15.63
CA THR A 99 10.62 6.52 -14.95
C THR A 99 10.56 7.13 -13.54
N THR A 100 11.70 7.09 -12.85
CA THR A 100 12.00 7.89 -11.66
C THR A 100 11.35 7.38 -10.38
N TYR A 101 10.03 7.24 -10.36
CA TYR A 101 9.31 6.73 -9.20
C TYR A 101 8.36 5.65 -9.66
N THR A 102 8.15 4.66 -8.79
CA THR A 102 7.27 3.56 -9.16
C THR A 102 6.09 3.47 -8.20
N LEU A 103 5.04 2.78 -8.69
CA LEU A 103 3.80 2.59 -7.97
C LEU A 103 3.36 1.13 -8.10
N THR A 104 2.39 0.74 -7.28
CA THR A 104 1.88 -0.63 -7.32
C THR A 104 1.00 -0.84 -8.54
N PRO A 105 1.19 -1.93 -9.30
CA PRO A 105 0.23 -2.25 -10.38
C PRO A 105 -1.02 -2.93 -9.85
N VAL A 106 -2.02 -2.11 -9.51
CA VAL A 106 -3.18 -2.60 -8.79
C VAL A 106 -4.08 -3.41 -9.72
N LEU A 107 -4.59 -4.57 -9.23
CA LEU A 107 -5.41 -5.48 -10.03
C LEU A 107 -6.89 -5.21 -9.76
N GLY A 108 -7.60 -4.73 -10.79
CA GLY A 108 -9.05 -4.63 -10.74
C GLY A 108 -9.72 -5.83 -11.35
N THR A 109 -11.04 -5.74 -11.48
CA THR A 109 -11.77 -6.84 -12.11
C THR A 109 -11.53 -6.86 -13.62
N ASN A 110 -11.96 -7.98 -14.23
CA ASN A 110 -11.82 -8.22 -15.66
C ASN A 110 -10.38 -8.12 -16.14
N GLY A 111 -9.45 -8.46 -15.24
CA GLY A 111 -8.06 -8.62 -15.63
C GLY A 111 -7.37 -7.33 -16.00
N VAL A 112 -7.78 -6.20 -15.41
CA VAL A 112 -7.21 -4.89 -15.73
C VAL A 112 -6.26 -4.46 -14.61
N ILE A 113 -5.04 -4.08 -15.00
CA ILE A 113 -4.05 -3.43 -14.12
C ILE A 113 -4.22 -1.92 -14.23
N TYR A 114 -4.25 -1.25 -13.07
CA TYR A 114 -4.36 0.20 -13.00
C TYR A 114 -3.03 0.74 -12.51
N LEU A 115 -2.28 1.38 -13.40
CA LEU A 115 -0.92 1.82 -13.09
C LEU A 115 -0.78 3.30 -13.43
N PRO A 116 -0.83 4.20 -12.43
CA PRO A 116 -0.45 5.59 -12.68
C PRO A 116 1.04 5.66 -13.01
N SER A 117 1.38 6.62 -13.87
CA SER A 117 2.72 6.76 -14.40
C SER A 117 3.28 8.16 -14.18
N HIS A 118 4.58 8.23 -13.92
CA HIS A 118 5.27 9.50 -13.77
C HIS A 118 5.22 10.34 -15.04
N ASP A 119 4.85 9.74 -16.16
CA ASP A 119 4.61 10.51 -17.38
C ASP A 119 3.27 11.20 -17.40
N LYS A 120 2.60 11.29 -16.24
CA LYS A 120 1.34 12.04 -16.07
C LYS A 120 0.20 11.38 -16.83
N LYS A 121 0.08 10.08 -16.63
CA LYS A 121 -0.88 9.24 -17.30
C LYS A 121 -1.31 8.17 -16.32
N LEU A 122 -2.51 7.65 -16.52
CA LEU A 122 -3.01 6.47 -15.85
C LEU A 122 -3.17 5.39 -16.91
N TYR A 123 -2.38 4.32 -16.80
CA TYR A 123 -2.47 3.21 -17.76
C TYR A 123 -3.45 2.14 -17.31
N PHE A 124 -4.17 1.60 -18.26
CA PHE A 124 -5.03 0.42 -18.08
C PHE A 124 -4.36 -0.67 -18.90
N ILE A 125 -3.87 -1.71 -18.22
CA ILE A 125 -3.04 -2.74 -18.85
C ILE A 125 -3.72 -4.09 -18.68
N ASP A 126 -3.71 -4.90 -19.75
CA ASP A 126 -4.25 -6.27 -19.70
C ASP A 126 -3.30 -7.16 -18.91
N LYS A 127 -3.75 -7.69 -17.77
CA LYS A 127 -2.80 -8.46 -16.96
C LYS A 127 -2.40 -9.79 -17.60
N GLU A 128 -3.15 -10.29 -18.57
CA GLU A 128 -2.78 -11.57 -19.17
C GLU A 128 -1.62 -11.40 -20.14
N THR A 129 -1.52 -10.25 -20.80
CA THR A 129 -0.58 -10.08 -21.90
C THR A 129 0.40 -8.94 -21.74
N GLY A 130 0.13 -7.96 -20.87
CA GLY A 130 0.91 -6.74 -20.83
C GLY A 130 0.46 -5.66 -21.80
N ASN A 131 -0.54 -5.94 -22.63
CA ASN A 131 -0.94 -4.96 -23.63
C ASN A 131 -1.54 -3.73 -22.96
N ILE A 132 -1.18 -2.55 -23.47
CA ILE A 132 -1.81 -1.33 -23.02
C ILE A 132 -3.19 -1.23 -23.65
N LEU A 133 -4.23 -1.28 -22.83
CA LEU A 133 -5.59 -1.21 -23.34
C LEU A 133 -5.91 0.21 -23.78
N TRP A 134 -5.63 1.17 -22.92
CA TRP A 134 -5.66 2.60 -23.23
C TRP A 134 -5.10 3.34 -22.00
N SER A 135 -5.08 4.66 -22.08
CA SER A 135 -4.58 5.47 -20.97
C SER A 135 -5.29 6.80 -20.91
N VAL A 136 -5.24 7.42 -19.73
CA VAL A 136 -5.88 8.71 -19.49
C VAL A 136 -4.83 9.70 -19.03
N PRO A 137 -4.85 10.94 -19.50
CA PRO A 137 -3.90 11.94 -18.99
C PRO A 137 -4.27 12.37 -17.58
N LEU A 138 -3.22 12.71 -16.83
CA LEU A 138 -3.34 13.34 -15.53
C LEU A 138 -2.70 14.72 -15.59
N SER A 139 -3.22 15.64 -14.80
CA SER A 139 -2.69 16.98 -14.86
C SER A 139 -1.35 17.14 -14.16
N GLY A 140 -0.96 16.19 -13.31
CA GLY A 140 0.33 16.25 -12.66
C GLY A 140 0.77 14.81 -12.44
N ALA A 141 2.00 14.65 -11.99
CA ALA A 141 2.51 13.31 -11.76
C ALA A 141 1.75 12.67 -10.60
N PRO A 142 1.41 11.40 -10.70
CA PRO A 142 0.66 10.75 -9.62
C PRO A 142 1.55 10.49 -8.41
N SER A 143 0.98 10.67 -7.23
CA SER A 143 1.71 10.49 -5.98
C SER A 143 1.04 9.45 -5.10
N SER A 144 0.25 8.57 -5.69
CA SER A 144 -0.35 7.45 -4.96
C SER A 144 -0.63 6.32 -5.92
N ASP A 145 -0.74 5.11 -5.35
CA ASP A 145 -1.44 4.02 -6.02
C ASP A 145 -2.89 4.36 -6.30
N ALA A 146 -3.49 3.63 -7.23
CA ALA A 146 -4.91 3.81 -7.53
C ALA A 146 -5.73 3.04 -6.52
N ALA A 147 -6.53 3.75 -5.73
CA ALA A 147 -7.56 3.13 -4.91
C ALA A 147 -8.81 2.94 -5.74
N ILE A 148 -9.46 1.78 -5.62
CA ILE A 148 -10.65 1.45 -6.41
C ILE A 148 -11.89 1.45 -5.52
N GLY A 149 -12.91 2.20 -5.93
CA GLY A 149 -14.18 2.14 -5.23
C GLY A 149 -15.14 1.06 -5.68
N PRO A 150 -16.28 0.96 -5.00
CA PRO A 150 -17.25 -0.12 -5.32
C PRO A 150 -17.81 -0.06 -6.73
N ASP A 151 -17.88 1.13 -7.33
CA ASP A 151 -18.33 1.30 -8.70
C ASP A 151 -17.18 1.36 -9.71
N GLY A 152 -15.96 1.03 -9.32
CA GLY A 152 -14.86 1.08 -10.26
C GLY A 152 -14.14 2.43 -10.37
N THR A 153 -14.61 3.47 -9.67
CA THR A 153 -13.92 4.74 -9.70
C THR A 153 -12.52 4.58 -9.12
N LEU A 154 -11.56 5.25 -9.75
CA LEU A 154 -10.17 5.28 -9.30
C LEU A 154 -9.90 6.59 -8.58
N TYR A 155 -9.22 6.50 -7.44
CA TYR A 155 -8.86 7.67 -6.64
C TYR A 155 -7.36 7.73 -6.56
N VAL A 156 -6.79 8.86 -7.00
N VAL A 156 -6.78 8.88 -6.94
CA VAL A 156 -5.35 9.07 -6.99
CA VAL A 156 -5.32 9.04 -7.06
C VAL A 156 -5.09 10.49 -6.53
C VAL A 156 -4.96 10.50 -6.77
N SER A 157 -3.92 10.71 -5.97
CA SER A 157 -3.41 12.06 -5.75
C SER A 157 -2.37 12.43 -6.82
N THR A 158 -2.26 13.72 -7.13
CA THR A 158 -1.24 14.17 -8.06
C THR A 158 -0.43 15.31 -7.46
N LEU A 159 0.76 15.49 -8.02
CA LEU A 159 1.77 16.40 -7.49
C LEU A 159 1.40 17.87 -7.67
N ASP A 160 0.45 18.18 -8.56
CA ASP A 160 -0.02 19.55 -8.67
C ASP A 160 -1.13 19.85 -7.67
N ASN A 161 -1.24 19.04 -6.62
CA ASN A 161 -2.08 19.27 -5.44
C ASN A 161 -3.55 19.02 -5.75
N TYR A 162 -3.87 17.83 -6.24
CA TYR A 162 -5.24 17.41 -6.46
C TYR A 162 -5.44 16.01 -5.93
N ILE A 163 -6.69 15.73 -5.51
CA ILE A 163 -7.21 14.38 -5.46
C ILE A 163 -8.14 14.22 -6.64
N TYR A 164 -7.92 13.19 -7.47
CA TYR A 164 -8.77 12.90 -8.62
C TYR A 164 -9.64 11.70 -8.32
N ALA A 165 -10.91 11.76 -8.76
CA ALA A 165 -11.80 10.61 -8.82
C ALA A 165 -12.12 10.41 -10.29
N ILE A 166 -11.65 9.31 -10.85
CA ILE A 166 -11.69 9.04 -12.28
C ILE A 166 -12.52 7.78 -12.50
N LYS A 167 -13.62 7.90 -13.25
CA LYS A 167 -14.45 6.73 -13.53
C LYS A 167 -14.18 6.25 -14.94
N PRO A 168 -13.62 5.06 -15.13
CA PRO A 168 -13.46 4.53 -16.48
C PRO A 168 -14.68 3.73 -16.88
N THR A 169 -15.05 3.86 -18.16
CA THR A 169 -16.17 3.15 -18.73
C THR A 169 -15.66 2.51 -20.01
N SER A 170 -15.76 1.19 -20.10
CA SER A 170 -15.20 0.50 -21.24
C SER A 170 -16.00 0.83 -22.49
N PRO A 171 -15.35 0.82 -23.68
CA PRO A 171 -13.94 0.51 -23.89
C PRO A 171 -12.98 1.69 -23.90
N GLY A 172 -13.50 2.90 -23.71
CA GLY A 172 -12.61 4.02 -23.86
C GLY A 172 -13.18 5.35 -23.45
N THR A 173 -13.95 5.41 -22.37
CA THR A 173 -14.35 6.69 -21.80
C THR A 173 -13.79 6.81 -20.39
N ALA A 174 -13.04 7.89 -20.14
CA ALA A 174 -12.54 8.19 -18.81
C ALA A 174 -13.08 9.53 -18.36
N THR A 175 -13.71 9.55 -17.21
CA THR A 175 -14.52 10.68 -16.77
C THR A 175 -14.05 11.18 -15.43
N GLN A 176 -13.81 12.48 -15.31
CA GLN A 176 -13.62 13.06 -13.98
C GLN A 176 -14.93 13.05 -13.21
N LYS A 177 -15.02 12.21 -12.18
CA LYS A 177 -16.16 12.22 -11.29
C LYS A 177 -16.13 13.48 -10.43
N TRP A 178 -14.95 13.81 -9.91
CA TRP A 178 -14.71 15.08 -9.25
C TRP A 178 -13.21 15.24 -9.13
N LYS A 179 -12.79 16.46 -8.81
CA LYS A 179 -11.38 16.73 -8.54
C LYS A 179 -11.36 17.75 -7.41
N PHE A 180 -10.52 17.51 -6.43
CA PHE A 180 -10.41 18.36 -5.26
C PHE A 180 -9.03 18.98 -5.22
N LYS A 181 -8.95 20.31 -5.23
CA LYS A 181 -7.70 21.02 -5.07
C LYS A 181 -7.33 21.05 -3.60
N THR A 182 -6.22 20.42 -3.25
CA THR A 182 -5.79 20.40 -1.86
C THR A 182 -4.97 21.66 -1.57
N ASN A 183 -4.95 22.03 -0.30
CA ASN A 183 -4.14 23.15 0.16
C ASN A 183 -2.80 22.56 0.61
N GLY A 184 -1.84 22.48 -0.31
CA GLY A 184 -0.54 21.89 -0.04
C GLY A 184 -0.32 20.58 -0.80
N VAL A 185 0.94 20.15 -0.78
CA VAL A 185 1.36 18.91 -1.44
C VAL A 185 0.86 17.70 -0.67
N VAL A 186 0.23 16.76 -1.38
CA VAL A 186 -0.34 15.57 -0.75
C VAL A 186 0.75 14.62 -0.31
N GLY A 187 0.78 14.32 0.99
CA GLY A 187 1.75 13.39 1.55
C GLY A 187 1.11 12.10 2.03
N SER A 188 -0.17 12.19 2.37
CA SER A 188 -0.97 11.05 2.84
C SER A 188 -1.88 10.66 1.70
N ALA A 189 -1.63 9.49 1.13
CA ALA A 189 -2.27 9.03 -0.09
C ALA A 189 -3.72 8.59 0.18
N PRO A 190 -4.62 8.77 -0.79
CA PRO A 190 -6.05 8.51 -0.53
C PRO A 190 -6.35 7.08 -0.11
N VAL A 191 -7.04 6.95 1.00
CA VAL A 191 -7.62 5.69 1.43
C VAL A 191 -9.10 5.96 1.71
N LEU A 192 -9.94 4.93 1.52
CA LEU A 192 -11.38 5.11 1.65
C LEU A 192 -11.95 4.19 2.71
N ALA A 193 -12.89 4.75 3.49
CA ALA A 193 -13.55 4.04 4.58
C ALA A 193 -14.97 3.62 4.20
N SER A 194 -15.50 2.69 4.99
N SER A 194 -15.51 2.67 4.98
CA SER A 194 -16.80 2.09 4.67
CA SER A 194 -16.80 2.08 4.67
C SER A 194 -17.94 3.10 4.62
C SER A 194 -17.95 3.07 4.65
N ASN A 195 -17.84 4.19 5.37
CA ASN A 195 -18.90 5.20 5.35
C ASN A 195 -18.82 6.12 4.12
N GLY A 196 -17.90 5.86 3.20
CA GLY A 196 -17.77 6.64 2.00
C GLY A 196 -16.74 7.74 2.05
N THR A 197 -16.08 7.94 3.19
CA THR A 197 -15.14 9.03 3.32
C THR A 197 -13.78 8.64 2.75
N LEU A 198 -13.17 9.56 2.02
CA LEU A 198 -11.80 9.43 1.53
C LEU A 198 -10.93 10.32 2.42
N TYR A 199 -9.81 9.78 2.90
CA TYR A 199 -8.89 10.52 3.75
C TYR A 199 -7.59 10.78 3.02
N THR A 200 -7.10 12.01 3.18
CA THR A 200 -5.84 12.46 2.59
C THR A 200 -5.30 13.63 3.41
N ALA A 201 -4.05 14.01 3.16
CA ALA A 201 -3.46 15.07 3.99
C ALA A 201 -2.28 15.67 3.24
N THR A 202 -1.91 16.91 3.63
CA THR A 202 -0.92 17.67 2.89
C THR A 202 0.21 18.17 3.77
N TYR A 203 1.28 18.58 3.11
CA TYR A 203 2.41 19.17 3.82
C TYR A 203 2.22 20.65 4.15
N ASN A 204 1.03 21.21 3.93
CA ASN A 204 0.65 22.41 4.66
C ASN A 204 -0.05 22.04 5.96
N ASN A 205 0.04 20.76 6.35
CA ASN A 205 -0.37 20.27 7.67
C ASN A 205 -1.87 20.20 7.82
N ILE A 206 -2.57 19.94 6.72
CA ILE A 206 -4.03 19.80 6.71
C ILE A 206 -4.38 18.36 6.43
N PHE A 207 -5.24 17.78 7.26
CA PHE A 207 -5.76 16.43 7.10
C PHE A 207 -7.23 16.57 6.71
N TYR A 208 -7.62 15.90 5.65
CA TYR A 208 -8.96 16.04 5.07
C TYR A 208 -9.76 14.75 5.17
N ALA A 209 -11.03 14.89 5.49
CA ALA A 209 -12.06 13.86 5.34
C ALA A 209 -12.99 14.34 4.23
N ILE A 210 -13.01 13.63 3.10
CA ILE A 210 -13.70 14.07 1.89
C ILE A 210 -14.81 13.07 1.56
N ASN A 211 -15.99 13.58 1.17
CA ASN A 211 -17.05 12.70 0.72
C ASN A 211 -16.68 12.11 -0.65
N SER A 212 -16.58 10.78 -0.74
CA SER A 212 -16.06 10.21 -2.00
C SER A 212 -17.08 10.26 -3.13
N GLY A 213 -18.34 10.52 -2.82
CA GLY A 213 -19.32 10.68 -3.89
C GLY A 213 -19.26 12.04 -4.56
N THR A 214 -18.99 13.08 -3.77
CA THR A 214 -19.09 14.44 -4.26
C THR A 214 -17.76 15.19 -4.35
N GLY A 215 -16.74 14.72 -3.66
CA GLY A 215 -15.52 15.47 -3.57
C GLY A 215 -15.57 16.64 -2.63
N GLN A 216 -16.63 16.77 -1.83
CA GLN A 216 -16.73 17.89 -0.91
C GLN A 216 -16.13 17.52 0.44
N VAL A 217 -15.45 18.47 1.06
CA VAL A 217 -14.84 18.21 2.37
C VAL A 217 -15.92 18.04 3.44
N LYS A 218 -15.81 16.95 4.20
CA LYS A 218 -16.66 16.72 5.36
C LYS A 218 -16.12 17.44 6.58
N TRP A 219 -14.84 17.24 6.89
CA TRP A 219 -14.17 17.99 7.95
C TRP A 219 -12.67 17.96 7.66
N SER A 220 -11.95 18.83 8.35
CA SER A 220 -10.49 18.86 8.22
C SER A 220 -9.89 19.26 9.56
N LYS A 221 -8.63 18.88 9.75
CA LYS A 221 -7.87 19.27 10.94
C LYS A 221 -6.48 19.70 10.54
N THR A 222 -5.90 20.67 11.24
CA THR A 222 -4.47 20.90 11.05
C THR A 222 -3.69 20.40 12.25
N THR A 223 -2.40 20.16 11.99
CA THR A 223 -1.47 19.59 12.94
C THR A 223 -0.16 20.37 12.85
N SER A 224 0.78 20.03 13.75
CA SER A 224 2.05 20.74 13.74
CA SER A 224 2.06 20.71 13.76
C SER A 224 2.93 20.35 12.55
N ASN A 225 2.79 19.13 12.04
CA ASN A 225 3.60 18.61 10.95
C ASN A 225 2.72 17.68 10.10
N GLY A 226 3.28 17.17 9.01
CA GLY A 226 2.46 16.51 8.00
C GLY A 226 2.32 15.01 8.20
N PHE A 227 1.16 14.50 7.80
CA PHE A 227 0.95 13.05 7.70
C PHE A 227 1.59 12.50 6.43
N LYS A 228 2.01 11.24 6.50
CA LYS A 228 2.67 10.61 5.35
C LYS A 228 2.25 9.16 5.21
N GLY A 229 2.06 8.75 3.96
CA GLY A 229 1.81 7.34 3.67
C GLY A 229 0.32 7.02 3.63
N TYR A 230 0.03 5.75 3.86
CA TYR A 230 -1.33 5.22 3.75
C TYR A 230 -1.83 4.85 5.13
N PRO A 231 -2.82 5.55 5.65
CA PRO A 231 -3.46 5.15 6.92
C PRO A 231 -4.17 3.81 6.82
N VAL A 232 -4.49 3.25 7.99
CA VAL A 232 -5.44 2.14 8.06
C VAL A 232 -6.70 2.62 8.79
N ILE A 233 -7.79 1.88 8.58
CA ILE A 233 -9.11 2.25 9.10
C ILE A 233 -9.67 1.05 9.83
N ASP A 234 -10.16 1.25 11.06
CA ASP A 234 -10.75 0.13 11.78
C ASP A 234 -12.27 0.03 11.50
N ARG A 235 -12.88 -1.00 12.10
CA ARG A 235 -14.29 -1.30 11.85
C ARG A 235 -15.23 -0.21 12.36
N ASP A 236 -14.80 0.59 13.34
CA ASP A 236 -15.59 1.72 13.82
C ASP A 236 -15.38 2.97 12.95
N GLY A 237 -14.58 2.90 11.91
CA GLY A 237 -14.30 4.07 11.07
C GLY A 237 -13.17 4.96 11.55
N THR A 238 -12.44 4.56 12.59
CA THR A 238 -11.30 5.33 13.04
C THR A 238 -10.14 5.17 12.08
N VAL A 239 -9.48 6.29 11.79
CA VAL A 239 -8.35 6.37 10.88
C VAL A 239 -7.07 6.53 11.69
N TYR A 240 -6.07 5.71 11.37
CA TYR A 240 -4.77 5.72 12.07
C TYR A 240 -3.73 6.15 11.06
N ALA A 241 -3.09 7.30 11.32
CA ALA A 241 -2.22 7.95 10.34
C ALA A 241 -0.89 8.35 10.98
N GLY A 242 0.21 8.02 10.31
CA GLY A 242 1.54 8.35 10.82
C GLY A 242 1.98 9.76 10.44
N ASN A 243 2.47 10.50 11.44
CA ASN A 243 2.86 11.90 11.26
C ASN A 243 4.38 12.10 11.37
N GLN A 244 4.87 13.09 10.62
CA GLN A 244 6.30 13.43 10.65
C GLN A 244 6.71 14.07 11.95
N ASP A 245 5.76 14.44 12.83
CA ASP A 245 6.10 14.95 14.16
C ASP A 245 6.49 13.84 15.13
N GLY A 246 6.50 12.58 14.67
CA GLY A 246 6.91 11.49 15.53
C GLY A 246 5.79 10.83 16.31
N ASN A 247 4.53 11.00 15.88
CA ASN A 247 3.41 10.37 16.54
C ASN A 247 2.50 9.72 15.51
N LEU A 248 1.85 8.65 15.94
CA LEU A 248 0.72 8.05 15.24
C LEU A 248 -0.54 8.68 15.81
N TYR A 249 -1.41 9.18 14.94
CA TYR A 249 -2.66 9.79 15.35
C TYR A 249 -3.83 8.87 15.03
N ALA A 250 -4.80 8.78 15.95
CA ALA A 250 -6.02 8.03 15.70
C ALA A 250 -7.18 9.01 15.76
N TYR A 251 -7.81 9.22 14.61
CA TYR A 251 -8.95 10.12 14.48
C TYR A 251 -10.23 9.31 14.26
N THR A 252 -11.28 9.62 15.04
CA THR A 252 -12.52 8.91 14.78
C THR A 252 -13.17 9.42 13.49
N SER A 253 -14.23 8.72 13.10
CA SER A 253 -14.90 9.12 11.86
C SER A 253 -15.52 10.52 11.95
N THR A 254 -15.73 11.03 13.18
CA THR A 254 -16.25 12.38 13.37
C THR A 254 -15.15 13.40 13.56
N GLY A 255 -13.88 13.00 13.45
CA GLY A 255 -12.78 13.93 13.62
C GLY A 255 -12.31 14.09 15.05
N ALA A 256 -12.84 13.30 15.98
CA ALA A 256 -12.35 13.36 17.35
C ALA A 256 -11.00 12.65 17.46
N VAL A 257 -10.16 13.12 18.38
CA VAL A 257 -8.88 12.47 18.61
C VAL A 257 -9.10 11.31 19.58
N LYS A 258 -8.94 10.09 19.10
CA LYS A 258 -9.07 8.94 19.98
C LYS A 258 -7.86 8.83 20.89
N TRP A 259 -6.66 8.97 20.30
CA TRP A 259 -5.40 9.01 21.02
C TRP A 259 -4.28 9.35 20.05
N THR A 260 -3.10 9.64 20.61
CA THR A 260 -1.86 9.68 19.84
C THR A 260 -0.88 8.74 20.51
N PHE A 261 0.13 8.29 19.72
CA PHE A 261 1.12 7.35 20.22
C PHE A 261 2.50 7.76 19.73
N PRO A 262 3.50 7.88 20.61
CA PRO A 262 4.83 8.36 20.21
C PRO A 262 5.69 7.29 19.56
N LEU A 263 6.35 7.67 18.48
CA LEU A 263 7.12 6.72 17.68
C LEU A 263 8.63 6.85 17.81
N ASN A 264 9.12 7.82 18.59
CA ASN A 264 10.56 8.08 18.78
C ASN A 264 11.27 8.56 17.52
N GLY A 265 10.53 8.93 16.49
CA GLY A 265 11.12 9.42 15.27
C GLY A 265 9.98 9.65 14.31
N PHE A 266 10.31 10.27 13.17
CA PHE A 266 9.28 10.52 12.17
C PHE A 266 8.63 9.20 11.74
N SER A 267 7.32 9.23 11.46
CA SER A 267 6.74 8.01 10.93
C SER A 267 7.38 7.69 9.59
N SER A 268 7.75 6.44 9.37
CA SER A 268 8.50 6.10 8.17
C SER A 268 7.86 5.05 7.30
N SER A 269 6.75 4.44 7.73
CA SER A 269 6.05 3.51 6.87
C SER A 269 4.55 3.78 6.96
N SER A 270 3.84 3.13 6.05
CA SER A 270 2.39 3.03 6.14
C SER A 270 2.02 1.88 7.08
N LEU A 271 0.72 1.72 7.36
CA LEU A 271 0.30 0.85 8.44
C LEU A 271 -0.32 -0.47 7.97
N ALA A 272 -0.38 -1.41 8.92
CA ALA A 272 -1.21 -2.61 8.87
C ALA A 272 -2.12 -2.65 10.10
N ILE A 273 -3.22 -3.38 9.99
CA ILE A 273 -4.13 -3.57 11.12
C ILE A 273 -4.55 -5.04 11.17
N ASP A 274 -4.43 -5.64 12.35
CA ASP A 274 -4.75 -7.06 12.49
C ASP A 274 -6.19 -7.26 12.99
N HIS A 275 -6.62 -8.52 12.97
CA HIS A 275 -8.02 -8.79 13.25
C HIS A 275 -8.37 -8.64 14.73
N ASN A 276 -7.40 -8.35 15.58
CA ASN A 276 -7.66 -7.94 16.96
C ASN A 276 -7.59 -6.42 17.15
N GLY A 277 -7.47 -5.66 16.05
CA GLY A 277 -7.43 -4.22 16.12
C GLY A 277 -6.07 -3.61 16.45
N ASN A 278 -5.03 -4.42 16.55
CA ASN A 278 -3.70 -3.84 16.74
C ASN A 278 -3.24 -3.24 15.42
N VAL A 279 -2.52 -2.12 15.52
CA VAL A 279 -2.01 -1.43 14.34
C VAL A 279 -0.49 -1.44 14.42
N TYR A 280 0.13 -1.40 13.24
CA TYR A 280 1.57 -1.61 13.12
C TYR A 280 2.14 -0.53 12.22
N ILE A 281 3.29 0.02 12.63
CA ILE A 281 3.92 1.10 11.86
C ILE A 281 5.41 1.15 12.15
N GLY A 282 6.19 1.50 11.11
CA GLY A 282 7.62 1.76 11.27
C GLY A 282 7.95 3.22 11.54
N SER A 283 9.10 3.41 12.18
CA SER A 283 9.60 4.73 12.59
C SER A 283 11.02 5.00 12.10
N GLY A 284 11.31 6.29 11.87
CA GLY A 284 12.68 6.75 11.64
C GLY A 284 13.64 6.42 12.77
N SER A 285 13.11 6.07 13.94
CA SER A 285 13.96 5.55 15.03
C SER A 285 14.56 4.20 14.70
N GLY A 286 14.04 3.53 13.66
CA GLY A 286 14.46 2.18 13.35
C GLY A 286 13.50 1.13 13.88
N GLU A 287 12.51 1.55 14.65
CA GLU A 287 11.65 0.59 15.32
C GLU A 287 10.36 0.32 14.53
N LEU A 288 9.92 -0.94 14.61
CA LEU A 288 8.57 -1.35 14.20
C LEU A 288 7.74 -1.44 15.48
N PHE A 289 6.58 -0.80 15.50
CA PHE A 289 5.68 -0.84 16.64
C PHE A 289 4.45 -1.68 16.36
N SER A 290 4.02 -2.42 17.39
CA SER A 290 2.68 -3.01 17.49
C SER A 290 1.93 -2.27 18.60
N ILE A 291 0.76 -1.69 18.27
CA ILE A 291 0.01 -0.78 19.15
C ILE A 291 -1.43 -1.28 19.23
N SER A 292 -2.02 -1.29 20.45
CA SER A 292 -3.37 -1.81 20.58
C SER A 292 -4.39 -0.79 20.08
N LYS A 293 -5.62 -1.28 19.90
CA LYS A 293 -6.71 -0.40 19.50
C LYS A 293 -6.93 0.73 20.48
N THR A 294 -6.58 0.53 21.76
CA THR A 294 -6.72 1.58 22.76
C THR A 294 -5.45 2.42 22.94
N GLY A 295 -4.45 2.25 22.10
CA GLY A 295 -3.32 3.14 22.12
C GLY A 295 -2.19 2.75 23.03
N ASN A 296 -2.17 1.51 23.50
CA ASN A 296 -1.10 1.04 24.36
C ASN A 296 -0.09 0.29 23.53
N MET A 297 1.18 0.40 23.88
CA MET A 297 2.19 -0.34 23.13
C MET A 297 2.07 -1.83 23.47
N ASN A 298 2.03 -2.66 22.44
CA ASN A 298 2.21 -4.09 22.66
C ASN A 298 3.70 -4.41 22.68
N TRP A 299 4.44 -3.95 21.68
CA TRP A 299 5.87 -4.15 21.65
C TRP A 299 6.47 -3.23 20.59
N SER A 300 7.79 -3.07 20.67
CA SER A 300 8.56 -2.42 19.63
C SER A 300 9.77 -3.28 19.31
N PHE A 301 10.18 -3.24 18.04
CA PHE A 301 11.28 -4.07 17.55
C PHE A 301 12.28 -3.17 16.85
N TYR A 302 13.49 -3.14 17.38
CA TYR A 302 14.56 -2.27 16.88
C TYR A 302 15.30 -2.84 15.66
N THR A 303 15.51 -1.97 14.66
CA THR A 303 16.41 -2.22 13.54
C THR A 303 17.36 -1.02 13.44
N ASP A 304 18.42 -1.16 12.61
CA ASP A 304 19.47 -0.16 12.58
C ASP A 304 19.23 0.95 11.54
N GLY A 305 18.02 1.09 11.02
CA GLY A 305 17.69 2.21 10.18
C GLY A 305 16.18 2.34 10.04
N PRO A 306 15.70 3.42 9.44
CA PRO A 306 14.24 3.63 9.32
C PRO A 306 13.55 2.43 8.67
N VAL A 307 12.38 2.07 9.19
CA VAL A 307 11.56 0.97 8.67
C VAL A 307 10.53 1.58 7.72
N ARG A 308 10.73 1.39 6.40
CA ARG A 308 9.89 2.07 5.42
C ARG A 308 8.91 1.15 4.71
N THR A 309 9.07 -0.17 4.82
CA THR A 309 8.04 -1.09 4.33
C THR A 309 6.81 -0.99 5.20
N ALA A 310 5.64 -0.95 4.58
CA ALA A 310 4.43 -1.19 5.37
C ALA A 310 4.44 -2.64 5.82
N PRO A 311 4.28 -2.92 7.10
CA PRO A 311 4.34 -4.31 7.57
C PRO A 311 3.22 -5.13 6.97
N LEU A 312 3.47 -6.43 6.87
CA LEU A 312 2.46 -7.38 6.44
C LEU A 312 2.30 -8.42 7.53
N ILE A 313 1.07 -8.72 7.89
CA ILE A 313 0.75 -9.73 8.90
C ILE A 313 0.30 -10.98 8.17
N ASP A 314 0.75 -12.17 8.60
CA ASP A 314 0.17 -13.38 8.01
C ASP A 314 -0.97 -13.92 8.89
N ALA A 315 -1.54 -15.04 8.46
CA ALA A 315 -2.73 -15.55 9.13
C ALA A 315 -2.43 -16.10 10.51
N ASP A 316 -1.17 -16.32 10.85
CA ASP A 316 -0.82 -16.73 12.22
C ASP A 316 -0.31 -15.55 13.04
N GLY A 317 -0.34 -14.34 12.51
CA GLY A 317 0.06 -13.22 13.32
C GLY A 317 1.50 -12.84 13.18
N ASN A 318 2.28 -13.56 12.37
CA ASN A 318 3.66 -13.14 12.14
C ASN A 318 3.68 -11.87 11.32
N VAL A 319 4.72 -11.06 11.53
CA VAL A 319 4.83 -9.74 10.90
C VAL A 319 6.12 -9.68 10.11
N TYR A 320 6.03 -9.24 8.86
CA TYR A 320 7.14 -9.19 7.93
C TYR A 320 7.38 -7.74 7.52
N PHE A 321 8.63 -7.33 7.43
CA PHE A 321 8.98 -5.94 7.18
C PHE A 321 10.44 -5.87 6.78
N GLY A 322 10.89 -4.67 6.43
CA GLY A 322 12.29 -4.46 6.09
C GLY A 322 12.75 -3.12 6.61
N SER A 323 14.07 -2.91 6.52
CA SER A 323 14.70 -1.77 7.15
C SER A 323 15.77 -1.17 6.22
N ASP A 324 16.06 0.11 6.47
CA ASP A 324 17.18 0.76 5.83
C ASP A 324 18.51 0.21 6.35
N ASP A 325 18.48 -0.65 7.38
CA ASP A 325 19.71 -1.40 7.67
C ASP A 325 19.93 -2.55 6.68
N LYS A 326 19.11 -2.65 5.63
CA LYS A 326 19.26 -3.58 4.51
C LYS A 326 18.95 -5.02 4.90
N ASN A 327 18.16 -5.24 5.95
CA ASN A 327 17.64 -6.54 6.33
C ASN A 327 16.15 -6.62 6.10
N VAL A 328 15.71 -7.81 5.67
CA VAL A 328 14.32 -8.26 5.75
C VAL A 328 14.16 -8.91 7.11
N TYR A 329 13.03 -8.66 7.79
CA TYR A 329 12.78 -9.24 9.11
C TYR A 329 11.45 -9.96 9.14
N ALA A 330 11.38 -11.01 9.97
CA ALA A 330 10.13 -11.68 10.33
C ALA A 330 10.12 -11.80 11.84
N VAL A 331 9.02 -11.40 12.46
CA VAL A 331 8.82 -11.56 13.89
C VAL A 331 7.48 -12.25 14.12
N ASP A 332 7.32 -12.83 15.31
CA ASP A 332 6.03 -13.44 15.61
C ASP A 332 5.06 -12.40 16.19
N ALA A 333 3.85 -12.84 16.55
CA ALA A 333 2.82 -11.89 16.99
C ALA A 333 3.20 -11.14 18.27
N ASP A 334 4.15 -11.67 19.04
CA ASP A 334 4.67 -11.03 20.26
C ASP A 334 6.00 -10.31 20.05
N GLY A 335 6.41 -10.13 18.79
CA GLY A 335 7.61 -9.36 18.50
C GLY A 335 8.90 -10.15 18.57
N ASN A 336 8.85 -11.44 18.81
CA ASN A 336 10.08 -12.23 18.87
C ASN A 336 10.64 -12.43 17.48
N GLU A 337 11.92 -12.13 17.31
CA GLU A 337 12.52 -12.35 15.99
C GLU A 337 12.44 -13.82 15.58
N LYS A 338 11.97 -14.05 14.37
CA LYS A 338 11.98 -15.37 13.76
C LYS A 338 13.19 -15.56 12.87
N TRP A 339 13.46 -14.58 12.02
CA TRP A 339 14.63 -14.61 11.15
C TRP A 339 14.87 -13.23 10.58
N ARG A 340 16.07 -13.06 10.04
CA ARG A 340 16.44 -11.87 9.28
C ARG A 340 17.25 -12.32 8.07
N TYR A 341 17.24 -11.49 7.02
CA TYR A 341 18.02 -11.77 5.82
C TYR A 341 18.72 -10.49 5.39
N GLN A 342 20.05 -10.54 5.32
CA GLN A 342 20.84 -9.39 4.93
C GLN A 342 20.93 -9.29 3.41
N THR A 343 20.43 -8.18 2.86
CA THR A 343 20.63 -7.89 1.44
C THR A 343 21.51 -6.65 1.33
N ASP A 344 21.60 -6.08 0.13
CA ASP A 344 22.60 -5.06 -0.17
C ASP A 344 22.03 -3.71 -0.58
N SER A 345 20.74 -3.49 -0.34
CA SER A 345 20.05 -2.26 -0.65
C SER A 345 18.94 -2.12 0.38
N ASN A 346 18.57 -0.88 0.72
CA ASN A 346 17.52 -0.68 1.72
C ASN A 346 16.23 -1.37 1.32
N VAL A 347 15.58 -2.03 2.28
CA VAL A 347 14.39 -2.82 2.01
C VAL A 347 13.21 -1.88 2.22
N ILE A 348 12.62 -1.38 1.12
CA ILE A 348 11.62 -0.31 1.18
C ILE A 348 10.33 -0.62 0.41
N SER A 349 10.31 -1.71 -0.35
CA SER A 349 9.16 -2.06 -1.19
C SER A 349 8.37 -3.14 -0.42
N SER A 350 7.13 -2.83 -0.08
CA SER A 350 6.49 -3.53 1.05
C SER A 350 6.21 -5.00 0.74
N PRO A 351 6.19 -5.85 1.77
CA PRO A 351 6.04 -7.29 1.53
C PRO A 351 4.64 -7.69 1.05
N VAL A 352 4.61 -8.83 0.35
CA VAL A 352 3.45 -9.41 -0.30
C VAL A 352 3.52 -10.91 -0.06
N LEU A 353 2.38 -11.54 0.23
CA LEU A 353 2.34 -13.00 0.43
C LEU A 353 1.50 -13.66 -0.65
N ALA A 354 2.05 -14.71 -1.26
CA ALA A 354 1.31 -15.60 -2.14
C ALA A 354 0.58 -16.67 -1.34
N GLU A 355 -0.35 -17.34 -2.02
CA GLU A 355 -1.19 -18.37 -1.40
C GLU A 355 -0.37 -19.48 -0.75
N ASP A 356 0.75 -19.85 -1.36
CA ASP A 356 1.58 -20.94 -0.85
C ASP A 356 2.56 -20.46 0.23
N GLY A 357 2.44 -19.20 0.68
CA GLY A 357 3.30 -18.64 1.70
C GLY A 357 4.57 -18.01 1.21
N THR A 358 4.82 -17.97 -0.10
CA THR A 358 5.99 -17.27 -0.60
C THR A 358 5.86 -15.79 -0.27
N LEU A 359 6.94 -15.22 0.24
CA LEU A 359 6.99 -13.82 0.65
C LEU A 359 7.84 -13.05 -0.34
N TYR A 360 7.26 -12.01 -0.93
CA TYR A 360 7.99 -11.11 -1.82
C TYR A 360 8.23 -9.77 -1.14
N VAL A 361 9.41 -9.21 -1.32
CA VAL A 361 9.75 -7.91 -0.74
C VAL A 361 10.85 -7.34 -1.60
N GLY A 362 10.98 -6.02 -1.60
CA GLY A 362 11.87 -5.38 -2.54
C GLY A 362 12.74 -4.30 -1.93
N THR A 363 13.86 -4.06 -2.63
CA THR A 363 14.80 -3.00 -2.32
C THR A 363 14.83 -1.99 -3.48
N TYR A 364 15.78 -1.05 -3.41
CA TYR A 364 15.91 -0.15 -4.56
C TYR A 364 16.45 -0.86 -5.79
N THR A 365 16.99 -2.08 -5.62
CA THR A 365 17.62 -2.76 -6.74
C THR A 365 17.06 -4.14 -7.05
N LYS A 366 16.36 -4.80 -6.10
CA LYS A 366 16.00 -6.19 -6.26
C LYS A 366 14.59 -6.48 -5.76
N LEU A 367 13.97 -7.45 -6.42
CA LEU A 367 12.79 -8.15 -5.92
C LEU A 367 13.28 -9.47 -5.33
N LEU A 368 12.95 -9.72 -4.07
CA LEU A 368 13.38 -10.93 -3.36
C LEU A 368 12.19 -11.82 -3.09
N ALA A 369 12.36 -13.13 -3.26
CA ALA A 369 11.32 -14.10 -2.99
C ALA A 369 11.82 -15.07 -1.92
N PHE A 370 11.06 -15.21 -0.84
CA PHE A 370 11.39 -16.11 0.27
C PHE A 370 10.37 -17.23 0.27
N GLY A 371 10.82 -18.46 -0.02
CA GLY A 371 9.89 -19.56 -0.16
C GLY A 371 9.52 -20.20 1.17
N ALA A 372 8.49 -21.04 1.08
CA ALA A 372 8.11 -21.86 2.22
C ALA A 372 9.29 -22.75 2.64
N LYS A 373 9.28 -23.14 3.91
CA LYS A 373 10.27 -24.06 4.44
C LYS A 373 10.18 -25.41 3.72
#